data_8QMJ
#
_entry.id   8QMJ
#
_cell.length_a   77.350
_cell.length_b   38.750
_cell.length_c   75.010
_cell.angle_alpha   90.000
_cell.angle_beta   116.900
_cell.angle_gamma   90.000
#
_symmetry.space_group_name_H-M   'C 1 2 1'
#
loop_
_entity.id
_entity.type
_entity.pdbx_description
1 polymer 'Alginate lyase'
2 branched 'beta-D-mannopyranuronic acid-(1-4)-beta-D-mannopyranuronic acid-(1-4)-alpha-D-mannopyranuronic acid'
3 water water
#
_entity_poly.entity_id   1
_entity_poly.type   'polypeptide(L)'
_entity_poly.pdbx_seq_one_letter_code
;EFLTAVSSIDTFLPVLNEAKLQWPTSALAASSEELLGGYVGSQFYLQDGKYMQFQIAGSSNRCELRQMIPDGGSEIGWAV
DDGTTHTATSSIVVPEQVDGVEEVTIMQINSGEAPQLRISWIRSKSLDGVAYEDFIMSTVRIGTGDSSDNFVKTHLADRT
AGAMSFQIDVKDSKLTITVNGNVVVNGQDLSFWDGTDSCYFKAGAYNNNPTSESATARIKFAALAWVDHHHHHH
;
_entity_poly.pdbx_strand_id   A
#
loop_
_chem_comp.id
_chem_comp.type
_chem_comp.name
_chem_comp.formula
BEM D-saccharide, beta linking 'beta-D-mannopyranuronic acid' 'C6 H10 O7'
MAV D-saccharide, alpha linking 'alpha-D-mannopyranuronic acid' 'C6 H10 O7'
#
# COMPACT_ATOMS: atom_id res chain seq x y z
N PHE A 2 -26.72 7.17 1.75
CA PHE A 2 -26.29 6.96 0.37
C PHE A 2 -24.81 7.28 0.21
N LEU A 3 -24.06 6.32 -0.35
CA LEU A 3 -22.63 6.47 -0.53
C LEU A 3 -22.31 6.73 -2.00
N THR A 4 -21.40 7.66 -2.24
CA THR A 4 -20.99 8.02 -3.58
C THR A 4 -19.84 7.12 -4.02
N ALA A 5 -19.93 6.61 -5.25
CA ALA A 5 -18.91 5.70 -5.77
C ALA A 5 -17.64 6.44 -6.14
N VAL A 6 -16.51 5.80 -5.87
CA VAL A 6 -15.21 6.35 -6.24
C VAL A 6 -15.15 6.65 -7.74
N SER A 7 -15.73 5.77 -8.57
CA SER A 7 -15.69 5.95 -10.02
C SER A 7 -16.59 7.08 -10.52
N SER A 8 -17.34 7.76 -9.64
CA SER A 8 -18.22 8.83 -10.10
C SER A 8 -17.47 10.12 -10.44
N ILE A 9 -16.20 10.23 -10.05
CA ILE A 9 -15.36 11.35 -10.48
C ILE A 9 -14.21 10.77 -11.32
N ASP A 10 -13.42 11.65 -11.91
CA ASP A 10 -12.38 11.22 -12.83
CA ASP A 10 -12.39 11.19 -12.83
C ASP A 10 -11.06 10.90 -12.15
N THR A 11 -10.86 11.37 -10.92
CA THR A 11 -9.54 11.35 -10.28
C THR A 11 -8.90 9.96 -10.23
N PHE A 12 -9.70 8.93 -9.94
CA PHE A 12 -9.15 7.61 -9.69
C PHE A 12 -9.38 6.65 -10.85
N LEU A 13 -10.01 7.09 -11.93
CA LEU A 13 -10.28 6.17 -13.03
C LEU A 13 -9.02 5.54 -13.60
N PRO A 14 -7.90 6.25 -13.79
CA PRO A 14 -6.72 5.56 -14.34
C PRO A 14 -6.26 4.40 -13.48
N VAL A 15 -6.22 4.55 -12.16
CA VAL A 15 -5.77 3.43 -11.34
C VAL A 15 -6.83 2.35 -11.22
N LEU A 16 -8.11 2.71 -11.18
CA LEU A 16 -9.15 1.69 -11.13
C LEU A 16 -9.13 0.82 -12.39
N ASN A 17 -8.73 1.41 -13.52
CA ASN A 17 -8.56 0.68 -14.77
C ASN A 17 -7.36 -0.26 -14.74
N GLU A 18 -6.56 -0.23 -13.68
CA GLU A 18 -5.38 -1.06 -13.49
CA GLU A 18 -5.43 -1.14 -13.52
C GLU A 18 -5.38 -1.71 -12.13
N ALA A 19 -6.56 -2.07 -11.59
CA ALA A 19 -6.63 -2.65 -10.27
C ALA A 19 -7.87 -3.51 -10.14
N LYS A 20 -7.77 -4.51 -9.27
CA LYS A 20 -8.94 -5.16 -8.69
C LYS A 20 -8.94 -4.89 -7.19
N LEU A 21 -10.11 -5.00 -6.57
CA LEU A 21 -10.25 -4.72 -5.14
C LEU A 21 -10.44 -6.01 -4.37
N GLN A 22 -9.62 -6.22 -3.35
CA GLN A 22 -9.77 -7.34 -2.44
C GLN A 22 -10.44 -6.84 -1.16
N TRP A 23 -11.55 -7.48 -0.80
CA TRP A 23 -12.31 -7.08 0.38
C TRP A 23 -13.29 -8.20 0.74
N PRO A 24 -13.35 -8.64 2.00
CA PRO A 24 -12.54 -8.23 3.16
C PRO A 24 -11.26 -9.05 3.33
N THR A 25 -10.99 -9.97 2.40
CA THR A 25 -9.78 -10.78 2.43
C THR A 25 -9.22 -10.88 1.02
N SER A 26 -8.00 -11.44 0.93
CA SER A 26 -7.31 -11.53 -0.35
CA SER A 26 -7.32 -11.51 -0.36
C SER A 26 -8.10 -12.32 -1.39
N ALA A 27 -8.82 -13.34 -0.96
CA ALA A 27 -9.46 -14.26 -1.90
C ALA A 27 -10.81 -13.76 -2.41
N LEU A 28 -11.36 -12.70 -1.84
CA LEU A 28 -12.66 -12.16 -2.23
C LEU A 28 -12.41 -10.84 -2.96
N ALA A 29 -12.68 -10.81 -4.25
CA ALA A 29 -12.27 -9.68 -5.07
C ALA A 29 -13.39 -9.20 -5.99
N ALA A 30 -13.31 -7.92 -6.34
CA ALA A 30 -14.11 -7.28 -7.36
C ALA A 30 -13.17 -6.80 -8.48
N SER A 31 -13.58 -7.04 -9.72
CA SER A 31 -12.71 -6.78 -10.85
C SER A 31 -12.61 -5.29 -11.15
N SER A 32 -11.59 -4.96 -11.96
CA SER A 32 -11.44 -3.60 -12.47
C SER A 32 -12.71 -3.13 -13.15
N GLU A 33 -13.31 -3.98 -13.98
CA GLU A 33 -14.56 -3.62 -14.65
C GLU A 33 -15.64 -3.25 -13.64
N GLU A 34 -15.73 -4.01 -12.54
CA GLU A 34 -16.73 -3.72 -11.52
C GLU A 34 -16.43 -2.41 -10.80
N LEU A 35 -15.14 -2.12 -10.56
CA LEU A 35 -14.77 -0.85 -9.94
C LEU A 35 -15.14 0.32 -10.83
N LEU A 36 -14.81 0.22 -12.12
CA LEU A 36 -15.15 1.27 -13.07
C LEU A 36 -16.66 1.40 -13.24
N GLY A 37 -17.39 0.31 -13.02
CA GLY A 37 -18.83 0.29 -13.14
C GLY A 37 -19.61 0.80 -11.96
N GLY A 38 -18.94 1.39 -10.97
CA GLY A 38 -19.64 2.01 -9.86
C GLY A 38 -19.64 1.23 -8.57
N TYR A 39 -18.77 0.24 -8.41
CA TYR A 39 -18.64 -0.47 -7.14
C TYR A 39 -18.58 0.54 -5.99
N VAL A 40 -19.38 0.30 -4.96
CA VAL A 40 -19.39 1.16 -3.78
C VAL A 40 -19.87 0.34 -2.59
N GLY A 41 -19.39 0.72 -1.42
CA GLY A 41 -19.89 0.20 -0.15
C GLY A 41 -19.19 0.95 0.95
N SER A 42 -19.59 0.69 2.19
CA SER A 42 -18.95 1.37 3.32
C SER A 42 -17.45 1.11 3.34
N GLN A 43 -17.01 -0.01 2.79
CA GLN A 43 -15.60 -0.36 2.75
C GLN A 43 -14.80 0.49 1.75
N PHE A 44 -15.46 1.10 0.76
CA PHE A 44 -14.78 1.70 -0.39
C PHE A 44 -15.75 2.71 -1.02
N TYR A 45 -15.58 3.99 -0.70
CA TYR A 45 -16.48 4.99 -1.22
C TYR A 45 -15.77 6.32 -1.29
N LEU A 46 -16.39 7.27 -1.97
CA LEU A 46 -15.84 8.61 -2.17
C LEU A 46 -16.27 9.48 -1.00
N GLN A 47 -15.30 9.91 -0.19
CA GLN A 47 -15.56 10.68 1.00
C GLN A 47 -15.27 12.15 0.73
N ASP A 48 -16.19 13.00 1.19
CA ASP A 48 -16.13 14.45 0.99
C ASP A 48 -15.80 14.85 -0.45
N GLY A 49 -16.38 14.11 -1.40
CA GLY A 49 -16.27 14.42 -2.80
C GLY A 49 -14.90 14.25 -3.41
N LYS A 50 -13.92 13.73 -2.68
CA LYS A 50 -12.57 13.73 -3.23
CA LYS A 50 -12.55 13.75 -3.21
C LYS A 50 -11.68 12.58 -2.75
N TYR A 51 -12.05 11.87 -1.69
CA TYR A 51 -11.17 10.83 -1.16
C TYR A 51 -11.68 9.45 -1.49
N MET A 52 -10.81 8.62 -2.06
CA MET A 52 -11.05 7.20 -2.15
C MET A 52 -10.75 6.62 -0.78
N GLN A 53 -11.80 6.31 -0.01
CA GLN A 53 -11.65 5.93 1.38
C GLN A 53 -11.86 4.43 1.53
N PHE A 54 -10.91 3.79 2.21
CA PHE A 54 -10.93 2.37 2.54
C PHE A 54 -11.19 2.20 4.02
N GLN A 55 -12.04 1.24 4.37
CA GLN A 55 -12.32 0.92 5.76
C GLN A 55 -12.35 -0.59 5.93
N ILE A 56 -11.77 -1.09 7.03
CA ILE A 56 -11.73 -2.52 7.29
C ILE A 56 -11.46 -2.77 8.76
N ALA A 57 -12.18 -3.74 9.33
CA ALA A 57 -11.94 -4.25 10.66
C ALA A 57 -11.53 -5.71 10.60
N GLY A 58 -10.82 -6.16 11.62
CA GLY A 58 -10.50 -7.56 11.82
C GLY A 58 -9.03 -7.86 11.52
N SER A 59 -8.49 -8.84 12.23
CA SER A 59 -7.08 -9.20 12.10
C SER A 59 -6.76 -9.68 10.70
N SER A 60 -5.83 -9.00 10.04
CA SER A 60 -5.32 -9.34 8.72
C SER A 60 -6.37 -9.23 7.64
N ASN A 61 -7.51 -8.61 7.91
CA ASN A 61 -8.45 -8.30 6.85
CA ASN A 61 -8.46 -8.30 6.85
C ASN A 61 -7.98 -7.07 6.09
N ARG A 62 -8.54 -6.89 4.89
CA ARG A 62 -8.11 -5.80 4.05
C ARG A 62 -9.27 -5.27 3.21
N CYS A 63 -9.12 -4.02 2.80
CA CYS A 63 -9.80 -3.47 1.64
C CYS A 63 -8.69 -2.83 0.84
N GLU A 64 -8.27 -3.50 -0.22
N GLU A 64 -8.30 -3.45 -0.27
CA GLU A 64 -7.03 -3.16 -0.90
CA GLU A 64 -7.02 -3.11 -0.86
C GLU A 64 -7.21 -3.26 -2.41
C GLU A 64 -7.03 -3.35 -2.37
N LEU A 65 -6.56 -2.36 -3.12
CA LEU A 65 -6.39 -2.49 -4.56
C LEU A 65 -5.13 -3.29 -4.86
N ARG A 66 -5.22 -4.10 -5.91
CA ARG A 66 -4.16 -5.02 -6.33
C ARG A 66 -3.90 -4.72 -7.80
N GLN A 67 -2.64 -4.40 -8.14
CA GLN A 67 -2.32 -3.94 -9.49
C GLN A 67 -2.63 -5.00 -10.55
N MET A 68 -3.29 -4.56 -11.62
CA MET A 68 -3.63 -5.40 -12.74
C MET A 68 -3.07 -4.79 -14.02
N ILE A 69 -2.93 -5.63 -15.04
CA ILE A 69 -2.63 -5.11 -16.38
C ILE A 69 -3.78 -4.20 -16.81
N PRO A 70 -3.52 -3.03 -17.38
CA PRO A 70 -4.61 -2.08 -17.67
CA PRO A 70 -4.62 -2.09 -17.65
C PRO A 70 -5.59 -2.63 -18.69
N ASP A 71 -6.77 -2.00 -18.72
CA ASP A 71 -7.78 -2.25 -19.75
C ASP A 71 -8.31 -3.68 -19.73
N GLY A 72 -8.76 -4.12 -18.56
CA GLY A 72 -9.34 -5.45 -18.44
C GLY A 72 -8.33 -6.57 -18.47
N GLY A 73 -7.06 -6.28 -18.24
CA GLY A 73 -6.02 -7.29 -18.26
C GLY A 73 -6.04 -8.15 -17.01
N SER A 74 -5.16 -9.15 -17.04
CA SER A 74 -5.05 -10.08 -15.93
C SER A 74 -4.06 -9.54 -14.89
N GLU A 75 -3.75 -10.38 -13.90
CA GLU A 75 -2.89 -9.96 -12.80
C GLU A 75 -1.49 -9.66 -13.32
N ILE A 76 -0.94 -8.54 -12.89
CA ILE A 76 0.40 -8.18 -13.31
C ILE A 76 1.43 -8.87 -12.43
N GLY A 77 2.58 -9.16 -13.03
CA GLY A 77 3.73 -9.62 -12.30
C GLY A 77 4.97 -9.05 -12.94
N TRP A 78 5.71 -8.23 -12.21
CA TRP A 78 6.94 -7.65 -12.71
C TRP A 78 8.09 -8.00 -11.76
N ALA A 79 9.30 -7.60 -12.14
CA ALA A 79 10.50 -7.96 -11.39
C ALA A 79 11.28 -6.70 -11.06
N VAL A 80 11.97 -6.74 -9.91
CA VAL A 80 12.76 -5.59 -9.50
C VAL A 80 13.93 -5.36 -10.43
N ASP A 81 14.33 -6.40 -11.18
CA ASP A 81 15.50 -6.36 -12.05
C ASP A 81 15.14 -6.49 -13.52
N ASP A 82 13.91 -6.14 -13.91
N ASP A 82 13.90 -6.20 -13.90
CA ASP A 82 13.52 -6.28 -15.31
CA ASP A 82 13.64 -5.95 -15.29
C ASP A 82 13.91 -5.09 -16.18
C ASP A 82 14.18 -4.56 -15.65
N GLY A 83 14.60 -4.09 -15.62
N GLY A 83 14.30 -4.30 -16.93
CA GLY A 83 15.05 -2.92 -16.36
CA GLY A 83 14.80 -2.99 -17.31
C GLY A 83 14.07 -1.76 -16.37
C GLY A 83 13.90 -1.82 -16.99
N THR A 84 12.78 -2.05 -16.30
CA THR A 84 11.75 -1.02 -16.19
C THR A 84 11.73 -0.38 -14.81
N THR A 85 11.44 0.91 -14.77
CA THR A 85 11.15 1.60 -13.51
C THR A 85 9.68 1.42 -13.17
N HIS A 86 9.43 0.88 -12.00
CA HIS A 86 8.08 0.68 -11.49
C HIS A 86 7.84 1.72 -10.42
N THR A 87 6.82 2.55 -10.63
CA THR A 87 6.56 3.69 -9.77
C THR A 87 5.12 3.68 -9.30
N ALA A 88 4.94 3.86 -7.99
CA ALA A 88 3.62 4.10 -7.42
C ALA A 88 3.66 5.46 -6.74
N THR A 89 2.62 6.26 -6.97
CA THR A 89 2.49 7.54 -6.32
C THR A 89 1.15 7.60 -5.61
N SER A 90 1.10 8.38 -4.53
CA SER A 90 -0.16 8.57 -3.85
C SER A 90 -0.13 9.86 -3.05
N SER A 91 -1.32 10.29 -2.66
CA SER A 91 -1.50 11.34 -1.67
CA SER A 91 -1.50 11.34 -1.66
C SER A 91 -2.53 10.79 -0.69
N ILE A 92 -2.17 10.72 0.58
CA ILE A 92 -2.95 9.99 1.57
C ILE A 92 -3.20 10.88 2.78
N VAL A 93 -4.46 10.91 3.22
CA VAL A 93 -4.81 11.46 4.53
C VAL A 93 -5.05 10.28 5.43
N VAL A 94 -4.21 10.13 6.45
CA VAL A 94 -4.39 9.12 7.48
C VAL A 94 -5.09 9.82 8.65
N PRO A 95 -6.38 9.57 8.87
CA PRO A 95 -7.05 10.19 10.01
C PRO A 95 -6.61 9.48 11.28
N GLU A 96 -7.06 10.01 12.42
CA GLU A 96 -6.78 9.36 13.69
C GLU A 96 -7.37 7.95 13.68
N GLN A 97 -6.55 6.96 14.00
CA GLN A 97 -7.04 5.59 14.04
C GLN A 97 -7.65 5.29 15.41
N VAL A 98 -8.76 4.58 15.40
CA VAL A 98 -9.48 4.30 16.63
C VAL A 98 -8.73 3.27 17.47
N ASP A 99 -9.05 3.26 18.77
CA ASP A 99 -8.46 2.31 19.69
C ASP A 99 -8.64 0.89 19.16
N GLY A 100 -7.58 0.11 19.28
CA GLY A 100 -7.57 -1.25 18.80
C GLY A 100 -6.88 -1.42 17.46
N VAL A 101 -6.78 -0.35 16.67
CA VAL A 101 -6.01 -0.37 15.43
C VAL A 101 -4.57 -0.05 15.77
N GLU A 102 -3.64 -0.92 15.38
CA GLU A 102 -2.24 -0.81 15.78
CA GLU A 102 -2.24 -0.84 15.78
C GLU A 102 -1.28 -0.63 14.61
N GLU A 103 -1.60 -1.15 13.44
CA GLU A 103 -0.77 -1.00 12.25
C GLU A 103 -1.68 -1.17 11.05
N VAL A 104 -1.57 -0.26 10.09
CA VAL A 104 -2.36 -0.33 8.87
C VAL A 104 -1.42 -0.19 7.69
N THR A 105 -1.30 -1.23 6.89
CA THR A 105 -0.51 -1.16 5.68
C THR A 105 -1.32 -0.45 4.60
N ILE A 106 -0.72 0.59 4.02
CA ILE A 106 -1.39 1.49 3.10
C ILE A 106 -0.85 1.43 1.67
N MET A 107 0.40 1.02 1.47
CA MET A 107 0.93 0.72 0.14
C MET A 107 1.86 -0.48 0.27
N GLN A 108 1.93 -1.29 -0.79
CA GLN A 108 2.83 -2.43 -0.78
C GLN A 108 3.45 -2.66 -2.15
N ILE A 109 4.60 -3.34 -2.13
CA ILE A 109 5.03 -4.21 -3.22
C ILE A 109 4.93 -5.62 -2.67
N ASN A 110 4.06 -6.43 -3.27
CA ASN A 110 3.90 -7.81 -2.88
CA ASN A 110 3.88 -7.81 -2.89
C ASN A 110 4.29 -8.69 -4.05
N SER A 111 4.32 -9.99 -3.81
CA SER A 111 4.71 -10.93 -4.85
C SER A 111 4.17 -12.29 -4.49
N GLY A 112 4.47 -13.27 -5.32
CA GLY A 112 4.12 -14.63 -5.01
C GLY A 112 5.00 -15.28 -3.97
N GLU A 113 5.94 -14.55 -3.37
CA GLU A 113 6.86 -15.16 -2.43
C GLU A 113 6.79 -14.54 -1.04
N ALA A 114 6.83 -13.21 -0.95
CA ALA A 114 6.79 -12.48 0.31
C ALA A 114 6.61 -11.02 -0.03
N PRO A 115 6.19 -10.18 0.95
CA PRO A 115 6.07 -8.74 0.65
CA PRO A 115 6.07 -8.75 0.67
C PRO A 115 7.44 -8.08 0.61
N GLN A 116 7.82 -7.58 -0.56
CA GLN A 116 9.07 -6.85 -0.66
C GLN A 116 9.02 -5.58 0.17
N LEU A 117 7.89 -4.89 0.16
CA LEU A 117 7.79 -3.60 0.81
C LEU A 117 6.39 -3.40 1.35
N ARG A 118 6.29 -2.95 2.59
CA ARG A 118 5.04 -2.39 3.11
CA ARG A 118 5.05 -2.40 3.11
C ARG A 118 5.31 -1.00 3.65
N ILE A 119 4.46 -0.06 3.29
CA ILE A 119 4.40 1.25 3.94
C ILE A 119 3.18 1.18 4.84
N SER A 120 3.37 1.44 6.13
CA SER A 120 2.29 1.28 7.09
CA SER A 120 2.31 1.26 7.11
C SER A 120 2.27 2.43 8.09
N TRP A 121 1.07 2.75 8.55
CA TRP A 121 0.90 3.55 9.74
C TRP A 121 1.08 2.63 10.94
N ILE A 122 1.77 3.11 11.97
CA ILE A 122 2.14 2.35 13.17
CA ILE A 122 1.96 2.32 13.16
C ILE A 122 1.80 3.20 14.40
N ARG A 123 1.12 2.62 15.39
CA ARG A 123 0.78 3.37 16.58
C ARG A 123 2.01 3.69 17.44
N SER A 124 2.88 2.70 17.66
N SER A 124 2.84 2.68 17.71
CA SER A 124 4.00 2.88 18.57
CA SER A 124 4.00 2.85 18.57
C SER A 124 5.05 1.81 18.29
C SER A 124 5.04 1.82 18.17
N LYS A 125 6.31 2.24 18.14
CA LYS A 125 7.38 1.29 17.87
C LYS A 125 8.73 1.94 18.14
N SER A 126 9.65 1.15 18.66
CA SER A 126 11.04 1.55 18.78
C SER A 126 11.81 0.99 17.58
N LEU A 127 12.59 1.87 16.93
CA LEU A 127 13.41 1.49 15.79
C LEU A 127 14.83 1.95 16.07
N ASP A 128 15.76 1.00 16.11
CA ASP A 128 17.18 1.30 16.29
C ASP A 128 17.42 2.18 17.51
N GLY A 129 16.71 1.86 18.60
CA GLY A 129 16.89 2.54 19.86
C GLY A 129 16.12 3.83 20.03
N VAL A 130 15.27 4.19 19.08
CA VAL A 130 14.50 5.43 19.14
C VAL A 130 13.01 5.09 19.09
N ALA A 131 12.27 5.61 20.06
CA ALA A 131 10.82 5.40 20.11
C ALA A 131 10.12 6.39 19.19
N TYR A 132 9.19 5.88 18.38
CA TYR A 132 8.34 6.70 17.53
C TYR A 132 6.89 6.35 17.79
N GLU A 133 6.00 7.31 17.54
CA GLU A 133 4.58 7.11 17.76
CA GLU A 133 4.59 7.15 17.79
C GLU A 133 3.79 7.76 16.65
N ASP A 134 2.67 7.11 16.29
CA ASP A 134 1.71 7.66 15.34
C ASP A 134 2.42 8.10 14.06
N PHE A 135 3.05 7.12 13.39
CA PHE A 135 3.98 7.46 12.32
C PHE A 135 3.83 6.49 11.16
N ILE A 136 4.50 6.85 10.06
CA ILE A 136 4.53 6.07 8.83
C ILE A 136 5.89 5.42 8.71
N MET A 137 5.89 4.11 8.46
CA MET A 137 7.08 3.28 8.46
C MET A 137 7.17 2.52 7.14
N SER A 138 8.39 2.25 6.69
CA SER A 138 8.60 1.26 5.64
C SER A 138 9.19 -0.01 6.24
N THR A 139 8.75 -1.14 5.72
CA THR A 139 9.30 -2.45 6.06
C THR A 139 9.67 -3.12 4.75
N VAL A 140 10.97 -3.37 4.57
CA VAL A 140 11.52 -4.00 3.39
C VAL A 140 12.04 -5.36 3.78
N ARG A 141 11.67 -6.39 3.02
CA ARG A 141 12.22 -7.71 3.26
C ARG A 141 13.54 -7.89 2.51
N ILE A 142 14.56 -8.37 3.21
CA ILE A 142 15.83 -8.74 2.61
C ILE A 142 16.08 -10.24 2.70
N GLY A 143 15.10 -11.00 3.18
CA GLY A 143 15.17 -12.45 3.24
C GLY A 143 13.78 -12.98 3.47
N THR A 144 13.66 -14.31 3.56
CA THR A 144 12.38 -14.98 3.71
C THR A 144 12.08 -15.43 5.12
N GLY A 145 13.02 -15.26 6.05
CA GLY A 145 12.82 -15.69 7.42
C GLY A 145 11.92 -14.75 8.19
N ASP A 146 11.72 -15.10 9.46
CA ASP A 146 10.79 -14.39 10.33
C ASP A 146 11.46 -13.42 11.29
N SER A 147 12.75 -13.64 11.60
CA SER A 147 13.44 -12.82 12.58
C SER A 147 13.71 -11.43 12.01
N SER A 148 14.06 -10.51 12.91
CA SER A 148 14.22 -9.11 12.54
CA SER A 148 14.23 -9.11 12.55
C SER A 148 15.29 -8.91 11.48
N ASP A 149 16.29 -9.80 11.43
CA ASP A 149 17.36 -9.65 10.44
CA ASP A 149 17.36 -9.67 10.45
C ASP A 149 16.86 -9.77 9.01
N ASN A 150 15.64 -10.23 8.80
CA ASN A 150 15.06 -10.37 7.47
C ASN A 150 14.41 -9.09 6.98
N PHE A 151 14.41 -8.04 7.78
CA PHE A 151 13.70 -6.81 7.46
C PHE A 151 14.58 -5.60 7.68
N VAL A 152 14.30 -4.55 6.90
CA VAL A 152 14.82 -3.21 7.17
C VAL A 152 13.61 -2.33 7.39
N LYS A 153 13.50 -1.77 8.59
CA LYS A 153 12.38 -0.92 8.96
C LYS A 153 12.88 0.51 9.16
N THR A 154 12.15 1.47 8.62
CA THR A 154 12.58 2.86 8.62
C THR A 154 11.42 3.77 9.00
N HIS A 155 11.67 4.70 9.91
CA HIS A 155 10.73 5.78 10.17
C HIS A 155 10.73 6.73 8.98
N LEU A 156 9.59 6.90 8.33
CA LEU A 156 9.50 7.78 7.19
C LEU A 156 9.07 9.19 7.58
N ALA A 157 8.00 9.30 8.37
CA ALA A 157 7.44 10.58 8.77
C ALA A 157 6.41 10.33 9.85
N ASP A 158 6.29 11.27 10.78
CA ASP A 158 5.16 11.24 11.70
C ASP A 158 3.87 11.52 10.91
N ARG A 159 2.77 10.94 11.37
CA ARG A 159 1.50 11.17 10.70
C ARG A 159 1.15 12.65 10.74
N THR A 160 0.71 13.20 9.61
CA THR A 160 0.35 14.60 9.53
C THR A 160 -1.16 14.77 9.47
N ALA A 161 -1.59 15.96 9.87
CA ALA A 161 -3.00 16.32 9.74
C ALA A 161 -3.42 16.32 8.28
N GLY A 162 -2.61 16.90 7.41
CA GLY A 162 -2.95 17.03 6.01
C GLY A 162 -2.47 15.86 5.17
N ALA A 163 -2.84 15.92 3.88
CA ALA A 163 -2.43 14.90 2.93
C ALA A 163 -0.92 14.80 2.88
N MET A 164 -0.45 13.57 2.75
CA MET A 164 0.96 13.23 2.68
C MET A 164 1.20 12.52 1.36
N SER A 165 2.16 13.00 0.58
CA SER A 165 2.47 12.38 -0.69
C SER A 165 3.53 11.30 -0.53
N PHE A 166 3.40 10.26 -1.36
CA PHE A 166 4.33 9.16 -1.40
C PHE A 166 4.72 8.90 -2.85
N GLN A 167 5.99 8.53 -3.04
CA GLN A 167 6.43 7.96 -4.30
C GLN A 167 7.34 6.79 -3.99
N ILE A 168 7.03 5.65 -4.59
CA ILE A 168 7.84 4.45 -4.50
C ILE A 168 8.40 4.21 -5.88
N ASP A 169 9.73 4.14 -6.00
CA ASP A 169 10.39 3.88 -7.27
C ASP A 169 11.26 2.64 -7.14
N VAL A 170 11.08 1.68 -8.04
CA VAL A 170 11.92 0.50 -8.12
C VAL A 170 12.58 0.48 -9.50
N LYS A 171 13.91 0.40 -9.52
CA LYS A 171 14.65 0.35 -10.77
C LYS A 171 15.96 -0.36 -10.49
N ASP A 172 16.29 -1.34 -11.32
CA ASP A 172 17.58 -2.03 -11.24
C ASP A 172 17.87 -2.53 -9.84
N SER A 173 16.88 -3.20 -9.25
CA SER A 173 17.02 -3.87 -7.96
C SER A 173 17.27 -2.91 -6.81
N LYS A 174 16.84 -1.65 -6.97
CA LYS A 174 17.00 -0.63 -5.93
CA LYS A 174 16.99 -0.67 -5.91
C LYS A 174 15.67 0.08 -5.70
N LEU A 175 15.42 0.45 -4.45
CA LEU A 175 14.20 1.09 -4.02
C LEU A 175 14.48 2.49 -3.49
N THR A 176 13.70 3.46 -3.94
CA THR A 176 13.70 4.80 -3.36
CA THR A 176 13.69 4.82 -3.40
C THR A 176 12.29 5.14 -2.94
N ILE A 177 12.17 5.74 -1.75
CA ILE A 177 10.89 6.20 -1.23
C ILE A 177 11.01 7.69 -0.94
N THR A 178 10.03 8.45 -1.41
CA THR A 178 9.95 9.89 -1.22
C THR A 178 8.62 10.20 -0.54
N VAL A 179 8.66 11.02 0.51
CA VAL A 179 7.48 11.37 1.29
C VAL A 179 7.42 12.88 1.37
N ASN A 180 6.31 13.46 0.92
CA ASN A 180 6.14 14.91 0.86
C ASN A 180 7.28 15.58 0.09
N GLY A 181 7.76 14.89 -0.94
CA GLY A 181 8.82 15.42 -1.78
C GLY A 181 10.21 15.20 -1.25
N ASN A 182 10.37 14.64 -0.04
CA ASN A 182 11.67 14.43 0.58
C ASN A 182 12.05 12.97 0.47
N VAL A 183 13.28 12.71 0.05
CA VAL A 183 13.74 11.33 0.01
C VAL A 183 13.97 10.83 1.43
N VAL A 184 13.35 9.70 1.75
CA VAL A 184 13.50 9.07 3.05
C VAL A 184 14.17 7.70 2.99
N VAL A 185 14.26 7.09 1.81
CA VAL A 185 15.05 5.90 1.56
C VAL A 185 15.62 6.06 0.15
N ASN A 186 16.94 5.91 -0.01
CA ASN A 186 17.53 5.93 -1.34
C ASN A 186 18.39 4.71 -1.58
N GLY A 187 18.11 4.01 -2.69
CA GLY A 187 18.98 2.92 -3.11
C GLY A 187 18.96 1.71 -2.20
N GLN A 188 17.84 1.46 -1.54
CA GLN A 188 17.72 0.24 -0.74
C GLN A 188 17.78 -0.97 -1.65
N ASP A 189 18.63 -1.93 -1.28
CA ASP A 189 18.82 -3.11 -2.11
C ASP A 189 17.59 -4.00 -2.10
N LEU A 190 17.21 -4.45 -3.30
CA LEU A 190 16.17 -5.44 -3.51
C LEU A 190 16.69 -6.66 -4.24
N SER A 191 18.02 -6.82 -4.33
CA SER A 191 18.58 -7.86 -5.16
CA SER A 191 18.62 -7.87 -5.14
C SER A 191 18.25 -9.27 -4.68
N PHE A 192 17.90 -9.45 -3.39
CA PHE A 192 17.44 -10.77 -2.95
C PHE A 192 16.30 -11.25 -3.83
N TRP A 193 15.49 -10.32 -4.32
CA TRP A 193 14.31 -10.61 -5.12
C TRP A 193 14.59 -10.64 -6.62
N ASP A 194 15.84 -10.55 -7.03
CA ASP A 194 16.16 -10.66 -8.45
C ASP A 194 15.57 -11.96 -9.00
N GLY A 195 14.93 -11.87 -10.16
CA GLY A 195 14.31 -13.03 -10.77
C GLY A 195 12.91 -13.33 -10.30
N THR A 196 12.43 -12.73 -9.21
CA THR A 196 11.04 -12.87 -8.79
C THR A 196 10.19 -12.04 -9.74
N ASP A 197 9.48 -12.71 -10.66
CA ASP A 197 8.74 -12.04 -11.72
CA ASP A 197 8.73 -12.04 -11.71
C ASP A 197 7.26 -11.89 -11.37
N SER A 198 6.90 -11.93 -10.09
CA SER A 198 5.52 -11.91 -9.65
C SER A 198 5.19 -10.69 -8.81
N CYS A 199 6.02 -9.65 -8.84
CA CYS A 199 5.79 -8.49 -8.00
C CYS A 199 4.66 -7.62 -8.55
N TYR A 200 4.01 -6.89 -7.65
CA TYR A 200 2.92 -6.02 -8.02
C TYR A 200 2.70 -5.01 -6.89
N PHE A 201 2.14 -3.87 -7.25
CA PHE A 201 1.77 -2.87 -6.25
C PHE A 201 0.39 -3.16 -5.65
N LYS A 202 0.21 -2.70 -4.41
CA LYS A 202 -1.07 -2.68 -3.73
C LYS A 202 -1.20 -1.35 -2.98
N ALA A 203 -2.44 -0.97 -2.70
N ALA A 203 -2.44 -0.99 -2.70
CA ALA A 203 -2.67 0.21 -1.87
CA ALA A 203 -2.72 0.21 -1.90
C ALA A 203 -4.09 0.14 -1.32
C ALA A 203 -4.10 0.07 -1.29
N GLY A 204 -4.27 0.66 -0.11
CA GLY A 204 -5.57 0.71 0.53
C GLY A 204 -5.41 0.63 2.02
N ALA A 205 -6.07 -0.34 2.64
CA ALA A 205 -5.98 -0.57 4.09
C ALA A 205 -5.92 -2.06 4.37
N TYR A 206 -4.82 -2.48 4.96
CA TYR A 206 -4.60 -3.86 5.38
CA TYR A 206 -4.59 -3.87 5.38
C TYR A 206 -4.27 -3.83 6.87
N ASN A 207 -5.15 -4.40 7.67
CA ASN A 207 -5.16 -4.19 9.12
CA ASN A 207 -5.16 -4.19 9.12
C ASN A 207 -4.30 -5.27 9.78
N ASN A 208 -3.18 -4.86 10.38
CA ASN A 208 -2.19 -5.79 10.92
C ASN A 208 -2.20 -5.76 12.44
N ASN A 209 -2.36 -6.93 13.06
CA ASN A 209 -2.24 -7.10 14.49
C ASN A 209 -3.10 -6.16 15.36
N PRO A 210 -4.37 -5.98 15.02
CA PRO A 210 -5.21 -5.15 15.89
C PRO A 210 -5.43 -5.84 17.23
N THR A 211 -5.71 -5.04 18.25
CA THR A 211 -6.03 -5.58 19.56
C THR A 211 -7.52 -5.70 19.80
N SER A 212 -8.34 -5.26 18.84
CA SER A 212 -9.78 -5.49 18.84
C SER A 212 -10.18 -5.91 17.44
N GLU A 213 -11.03 -6.94 17.36
CA GLU A 213 -11.47 -7.41 16.06
C GLU A 213 -12.50 -6.48 15.41
N SER A 214 -13.16 -5.63 16.20
CA SER A 214 -14.20 -4.77 15.67
C SER A 214 -13.71 -3.37 15.32
N ALA A 215 -12.49 -3.02 15.72
CA ALA A 215 -11.99 -1.68 15.44
C ALA A 215 -11.71 -1.51 13.95
N THR A 216 -12.26 -0.45 13.37
CA THR A 216 -12.21 -0.25 11.92
C THR A 216 -11.09 0.72 11.54
N ALA A 217 -10.10 0.19 10.82
CA ALA A 217 -9.08 1.03 10.20
C ALA A 217 -9.69 1.84 9.06
N ARG A 218 -9.17 3.06 8.85
CA ARG A 218 -9.76 3.95 7.86
C ARG A 218 -8.66 4.81 7.25
N ILE A 219 -8.55 4.76 5.92
CA ILE A 219 -7.48 5.45 5.21
C ILE A 219 -8.07 6.16 4.00
N LYS A 220 -7.69 7.42 3.77
CA LYS A 220 -8.24 8.23 2.68
C LYS A 220 -7.17 8.54 1.65
N PHE A 221 -7.43 8.20 0.39
CA PHE A 221 -6.51 8.54 -0.70
C PHE A 221 -7.07 9.72 -1.50
N ALA A 222 -6.28 10.78 -1.61
CA ALA A 222 -6.60 11.88 -2.52
C ALA A 222 -6.09 11.61 -3.94
N ALA A 223 -5.12 10.73 -4.09
CA ALA A 223 -4.56 10.38 -5.38
C ALA A 223 -3.89 9.03 -5.26
N LEU A 224 -3.89 8.27 -6.36
CA LEU A 224 -3.14 7.02 -6.43
C LEU A 224 -2.89 6.72 -7.89
N ALA A 225 -1.65 6.36 -8.22
CA ALA A 225 -1.33 5.98 -9.58
C ALA A 225 -0.19 4.98 -9.57
N TRP A 226 -0.23 4.03 -10.48
N TRP A 226 -0.21 4.11 -10.57
CA TRP A 226 0.95 3.21 -10.71
CA TRP A 226 0.82 3.10 -10.79
C TRP A 226 1.28 3.19 -12.19
C TRP A 226 1.26 3.23 -12.25
N VAL A 227 2.56 3.40 -12.48
CA VAL A 227 3.06 3.56 -13.84
C VAL A 227 4.36 2.78 -14.00
N ASP A 228 4.67 2.45 -15.24
CA ASP A 228 5.96 1.88 -15.61
C ASP A 228 6.60 2.78 -16.65
N HIS A 229 7.94 2.79 -16.66
CA HIS A 229 8.68 3.59 -17.62
C HIS A 229 10.16 3.20 -17.63
C1 MAV B . 1.91 -9.41 5.85
O1 MAV B . 2.12 -8.43 5.05
C2 MAV B . 1.58 -8.85 7.28
O2 MAV B . 1.10 -9.93 8.06
C3 MAV B . 2.75 -8.22 7.95
O3 MAV B . 2.37 -7.85 9.33
C4 MAV B . 3.97 -9.08 7.95
O4 MAV B . 5.05 -8.38 8.43
C5 MAV B . 4.28 -9.51 6.54
O5 MAV B . 3.18 -10.29 5.97
C6 MAV B . 5.56 -10.34 6.44
O6A MAV B . 5.57 -11.54 6.81
O6B MAV B . 6.59 -9.80 5.95
C1 BEM B . 2.14 -9.55 5.82
C2 BEM B . 1.72 -9.28 7.26
O2 BEM B . 1.49 -10.54 7.91
C3 BEM B . 2.78 -8.55 8.00
O3 BEM B . 2.36 -8.40 9.39
C4 BEM B . 4.12 -9.25 7.92
C5 BEM B . 4.48 -9.55 6.46
O5 BEM B . 3.43 -10.30 5.78
C6 BEM B . 5.75 -10.35 6.37
O6B BEM B . 6.86 -9.77 6.39
O6A BEM B . 5.68 -11.61 6.23
O1 BEM B . 1.19 -10.29 5.20
C1 BEM B . 5.81 -8.95 9.49
C2 BEM B . 7.02 -8.12 9.83
O2 BEM B . 6.57 -6.78 10.13
C3 BEM B . 7.74 -8.70 11.00
O3 BEM B . 8.87 -7.86 11.33
C4 BEM B . 6.83 -8.82 12.19
O4 BEM B . 7.51 -9.49 13.25
C5 BEM B . 5.57 -9.62 11.88
O5 BEM B . 4.91 -9.12 10.67
C6 BEM B . 4.56 -9.45 12.98
O6B BEM B . 3.81 -8.44 12.98
O6A BEM B . 4.48 -10.31 13.90
C1 BEM B . 7.41 -8.64 14.41
C2 BEM B . 7.79 -9.41 15.66
O2 BEM B . 9.17 -9.81 15.58
C3 BEM B . 7.59 -8.59 16.88
O3 BEM B . 8.68 -8.88 17.81
C4 BEM B . 7.53 -7.08 16.68
O4 BEM B . 6.15 -6.69 16.75
C5 BEM B . 8.14 -6.50 15.39
O5 BEM B . 8.29 -7.44 14.26
C6 BEM B . 9.50 -5.98 15.68
O6B BEM B . 10.16 -5.41 14.77
O6A BEM B . 9.97 -6.11 16.84
#